data_9GOP
#
_entry.id   9GOP
#
_cell.length_a   102.291
_cell.length_b   102.291
_cell.length_c   153.071
_cell.angle_alpha   90
_cell.angle_beta   90
_cell.angle_gamma   90
#
_symmetry.space_group_name_H-M   'P 41 21 2'
#
loop_
_entity.id
_entity.type
_entity.pdbx_description
1 polymer 'Cyclin-dependent kinase 2'
2 polymer 'G1/S-specific cyclin-E1'
3 non-polymer 2-[(2~{S})-1-[9-ethyl-6-[(2-methyl-5-methylsulfonyl-pyrazol-3-yl)amino]purin-2-yl]-4,4-bis(fluoranyl)pyrrolidin-2-yl]propan-2-ol
4 water water
#
loop_
_entity_poly.entity_id
_entity_poly.type
_entity_poly.pdbx_seq_one_letter_code
_entity_poly.pdbx_strand_id
1 'polypeptide(L)'
;MENFQKVEKIGEGTYGVVYKARNKLTGEVVALKKIRLDTETEGVPSTAIREISLLKELNHPNIVKLLDVIHTENKLYLVF
EFLHQDLKKFMDASALTGIPLPLIKSYLFQLLQGLAFCHSHRVLHRDLKPQNLLINTEGAIKLADFGLARAFGVPVRTYT
HEVVTLWYRAPEILLGCKYYSTAVDIWSLGCIFAEMVTRRALFPGDSEIDQLFRIFRTLGTPDEVVWPGVTSMPDYKPSF
PKWARQDFSKVVPPLDEDGRSLLSQMLHYDPNKRISAKAALAHPFFQDVTKPVPHLRL
;
A
2 'polypeptide(L)'
;GSIIAPSRGSPLPVLSWANREEVWKIMLNKEKTYLRDQHFLEQHPLLQPKMRAILLDWLMEVCEVYKLHRETFYLAQDFF
DRYMATQENVVKTLLQLIGISSLFIAAKLEEIYPPKLHQFAYVTDGACSGDEILTMELMIMKALKWRLSPLTIVSWLNVY
MQVAYLNDLHEVLLPQYPQQIFIQIAELLDLCVLDVDCLEFPYGILAASALYHFSSSELMQKVSGYQWCDIENCVKWMVP
FAMVIRETGSSKLKHFRGVADEDAHNIQTHRDSLDLLDKARAKKA
;
B
#
loop_
_chem_comp.id
_chem_comp.type
_chem_comp.name
_chem_comp.formula
A1IOI non-polymer 2-[(2~{S})-1-[9-ethyl-6-[(2-methyl-5-methylsulfonyl-pyrazol-3-yl)amino]purin-2-yl]-4,4-bis(fluoranyl)pyrrolidin-2-yl]propan-2-ol 'C19 H26 F2 N8 O3 S'
#
# COMPACT_ATOMS: atom_id res chain seq x y z
N MET A 1 -14.30 -23.87 -9.72
CA MET A 1 -13.98 -23.39 -11.08
C MET A 1 -14.70 -24.10 -12.22
N GLU A 2 -15.57 -25.06 -11.89
CA GLU A 2 -16.33 -25.84 -12.85
C GLU A 2 -17.35 -25.01 -13.66
N ASN A 3 -17.79 -23.85 -13.13
CA ASN A 3 -18.78 -23.02 -13.81
C ASN A 3 -18.20 -22.03 -14.81
N PHE A 4 -16.93 -22.20 -15.21
CA PHE A 4 -16.29 -21.27 -16.15
C PHE A 4 -15.81 -21.98 -17.41
N GLN A 5 -15.96 -21.35 -18.57
CA GLN A 5 -15.50 -21.92 -19.82
C GLN A 5 -14.50 -20.96 -20.43
N LYS A 6 -13.26 -21.41 -20.61
CA LYS A 6 -12.22 -20.57 -21.20
C LYS A 6 -12.54 -20.37 -22.66
N VAL A 7 -12.54 -19.11 -23.10
CA VAL A 7 -12.81 -18.75 -24.49
C VAL A 7 -11.50 -18.52 -25.23
N GLU A 8 -10.61 -17.68 -24.68
CA GLU A 8 -9.32 -17.43 -25.32
C GLU A 8 -8.25 -16.95 -24.34
N LYS A 9 -6.97 -17.16 -24.69
CA LYS A 9 -5.87 -16.74 -23.84
C LYS A 9 -5.50 -15.35 -24.29
N ILE A 10 -5.60 -14.40 -23.40
CA ILE A 10 -5.33 -12.99 -23.73
C ILE A 10 -3.85 -12.63 -23.60
N GLY A 11 -3.18 -13.27 -22.66
CA GLY A 11 -1.78 -13.00 -22.44
C GLY A 11 -1.15 -13.85 -21.38
N GLU A 12 0.15 -13.74 -21.31
CA GLU A 12 0.97 -14.45 -20.35
C GLU A 12 2.18 -13.56 -20.03
N GLY A 13 2.43 -13.38 -18.75
CA GLY A 13 3.54 -12.60 -18.26
C GLY A 13 3.87 -12.98 -16.84
N THR A 14 4.56 -12.10 -16.14
CA THR A 14 4.87 -12.30 -14.71
C THR A 14 3.59 -12.32 -13.85
N TYR A 15 2.49 -11.72 -14.33
CA TYR A 15 1.18 -11.79 -13.66
C TYR A 15 0.62 -13.22 -13.65
N GLY A 16 1.00 -14.02 -14.65
CA GLY A 16 0.53 -15.39 -14.83
C GLY A 16 -0.08 -15.48 -16.21
N VAL A 17 -1.24 -16.12 -16.31
CA VAL A 17 -1.95 -16.22 -17.61
C VAL A 17 -3.31 -15.57 -17.44
N VAL A 18 -3.68 -14.67 -18.34
CA VAL A 18 -5.00 -14.07 -18.30
C VAL A 18 -5.85 -14.67 -19.44
N TYR A 19 -7.08 -15.10 -19.14
CA TYR A 19 -8.01 -15.67 -20.12
C TYR A 19 -9.30 -14.90 -20.20
N LYS A 20 -9.98 -14.97 -21.35
CA LYS A 20 -11.35 -14.49 -21.50
C LYS A 20 -12.18 -15.74 -21.16
N ALA A 21 -13.21 -15.62 -20.32
CA ALA A 21 -14.01 -16.78 -19.93
C ALA A 21 -15.54 -16.47 -19.82
N ARG A 22 -16.38 -17.53 -19.77
CA ARG A 22 -17.83 -17.38 -19.63
C ARG A 22 -18.34 -18.16 -18.44
N ASN A 23 -19.28 -17.58 -17.70
CA ASN A 23 -19.92 -18.27 -16.59
C ASN A 23 -20.94 -19.17 -17.27
N LYS A 24 -20.73 -20.50 -17.26
CA LYS A 24 -21.61 -21.47 -17.92
C LYS A 24 -23.08 -21.25 -17.57
N LEU A 25 -23.39 -21.02 -16.28
CA LEU A 25 -24.76 -20.75 -15.89
C LEU A 25 -25.14 -19.30 -16.25
N THR A 26 -24.60 -18.33 -15.49
CA THR A 26 -24.81 -16.88 -15.53
C THR A 26 -24.80 -16.27 -16.94
N GLY A 27 -23.84 -16.68 -17.74
CA GLY A 27 -23.68 -16.16 -19.11
C GLY A 27 -22.80 -14.93 -19.21
N GLU A 28 -22.25 -14.47 -18.07
CA GLU A 28 -21.37 -13.31 -18.03
C GLU A 28 -19.98 -13.63 -18.58
N VAL A 29 -19.31 -12.61 -19.14
CA VAL A 29 -17.97 -12.73 -19.65
C VAL A 29 -17.02 -12.03 -18.69
N VAL A 30 -16.06 -12.80 -18.15
CA VAL A 30 -15.07 -12.31 -17.20
C VAL A 30 -13.64 -12.47 -17.77
N ALA A 31 -12.66 -11.88 -17.08
CA ALA A 31 -11.25 -12.05 -17.37
C ALA A 31 -10.76 -12.88 -16.21
N LEU A 32 -10.04 -13.98 -16.46
CA LEU A 32 -9.53 -14.82 -15.39
C LEU A 32 -8.03 -14.67 -15.32
N LYS A 33 -7.44 -14.49 -14.13
CA LYS A 33 -6.01 -14.46 -14.01
C LYS A 33 -5.62 -15.73 -13.29
N LYS A 34 -4.87 -16.59 -13.95
CA LYS A 34 -4.46 -17.87 -13.39
C LYS A 34 -3.10 -17.78 -12.73
N ILE A 35 -2.97 -18.30 -11.51
CA ILE A 35 -1.71 -18.30 -10.78
C ILE A 35 -1.38 -19.73 -10.38
N ARG A 36 -0.23 -20.26 -10.83
CA ARG A 36 0.18 -21.62 -10.47
C ARG A 36 0.81 -21.61 -9.08
N LEU A 37 0.41 -22.55 -8.24
CA LEU A 37 0.92 -22.59 -6.87
C LEU A 37 1.89 -23.75 -6.66
N ASP A 38 1.71 -24.84 -7.42
CA ASP A 38 2.59 -26.01 -7.36
C ASP A 38 4.02 -25.66 -7.74
N THR A 39 4.19 -24.67 -8.65
CA THR A 39 5.50 -24.21 -9.08
C THR A 39 6.08 -23.09 -8.17
N GLU A 40 5.45 -22.83 -7.00
CA GLU A 40 5.85 -21.75 -6.11
C GLU A 40 6.35 -22.29 -4.80
N THR A 41 7.67 -22.19 -4.53
CA THR A 41 8.21 -22.68 -3.27
C THR A 41 7.73 -21.82 -2.09
N GLU A 42 7.57 -20.50 -2.29
CA GLU A 42 7.15 -19.61 -1.19
C GLU A 42 5.62 -19.49 -1.01
N GLY A 43 4.85 -20.37 -1.64
CA GLY A 43 3.39 -20.37 -1.54
C GLY A 43 2.75 -19.30 -2.40
N VAL A 44 1.58 -18.76 -1.99
CA VAL A 44 0.89 -17.71 -2.75
C VAL A 44 1.82 -16.51 -2.96
N PRO A 45 2.10 -16.14 -4.21
CA PRO A 45 3.05 -15.04 -4.48
C PRO A 45 2.69 -13.76 -3.74
N SER A 46 3.68 -13.08 -3.14
CA SER A 46 3.42 -11.86 -2.39
C SER A 46 2.67 -10.81 -3.20
N THR A 47 3.04 -10.70 -4.47
CA THR A 47 2.44 -9.84 -5.46
C THR A 47 0.95 -10.15 -5.70
N ALA A 48 0.52 -11.41 -5.51
CA ALA A 48 -0.88 -11.79 -5.66
C ALA A 48 -1.63 -11.50 -4.38
N ILE A 49 -1.02 -11.76 -3.21
CA ILE A 49 -1.64 -11.45 -1.92
C ILE A 49 -1.90 -9.96 -1.81
N ARG A 50 -0.96 -9.14 -2.29
CA ARG A 50 -1.10 -7.70 -2.24
C ARG A 50 -2.14 -7.21 -3.21
N GLU A 51 -2.15 -7.71 -4.46
CA GLU A 51 -3.15 -7.31 -5.45
C GLU A 51 -4.59 -7.62 -5.00
N ILE A 52 -4.85 -8.86 -4.56
CA ILE A 52 -6.16 -9.31 -4.08
C ILE A 52 -6.64 -8.45 -2.91
N SER A 53 -5.80 -8.28 -1.89
CA SER A 53 -6.16 -7.50 -0.71
C SER A 53 -6.42 -6.02 -1.02
N LEU A 54 -5.66 -5.48 -1.95
CA LEU A 54 -5.78 -4.11 -2.34
C LEU A 54 -7.04 -3.84 -3.17
N LEU A 55 -7.35 -4.73 -4.14
CA LEU A 55 -8.52 -4.58 -5.00
C LEU A 55 -9.83 -4.89 -4.28
N LYS A 56 -9.80 -5.71 -3.21
CA LYS A 56 -10.97 -5.94 -2.38
C LYS A 56 -11.41 -4.61 -1.72
N GLU A 57 -10.47 -3.66 -1.51
CA GLU A 57 -10.68 -2.37 -0.85
C GLU A 57 -10.74 -1.17 -1.83
N LEU A 58 -10.25 -1.35 -3.07
CA LEU A 58 -10.23 -0.29 -4.08
C LEU A 58 -11.36 -0.48 -5.09
N ASN A 59 -12.56 0.00 -4.75
CA ASN A 59 -13.71 -0.10 -5.64
C ASN A 59 -13.97 1.25 -6.28
N HIS A 60 -13.75 1.34 -7.58
CA HIS A 60 -13.97 2.56 -8.31
C HIS A 60 -14.35 2.24 -9.75
N PRO A 61 -15.25 3.02 -10.39
CA PRO A 61 -15.58 2.79 -11.81
C PRO A 61 -14.41 2.75 -12.82
N ASN A 62 -13.24 3.32 -12.47
CA ASN A 62 -12.07 3.33 -13.33
C ASN A 62 -10.93 2.45 -12.81
N ILE A 63 -11.25 1.40 -12.05
CA ILE A 63 -10.30 0.41 -11.55
C ILE A 63 -10.95 -0.93 -11.81
N VAL A 64 -10.26 -1.87 -12.46
CA VAL A 64 -10.84 -3.19 -12.77
C VAL A 64 -11.31 -3.91 -11.50
N LYS A 65 -12.54 -4.40 -11.51
CA LYS A 65 -13.10 -5.06 -10.33
C LYS A 65 -12.64 -6.47 -10.17
N LEU A 66 -12.29 -6.82 -8.96
CA LEU A 66 -11.97 -8.18 -8.62
C LEU A 66 -13.33 -8.73 -8.18
N LEU A 67 -13.91 -9.61 -8.99
CA LEU A 67 -15.20 -10.21 -8.74
C LEU A 67 -15.13 -11.38 -7.75
N ASP A 68 -14.12 -12.25 -7.84
CA ASP A 68 -14.00 -13.41 -6.93
C ASP A 68 -12.56 -13.97 -6.93
N VAL A 69 -12.21 -14.80 -5.94
CA VAL A 69 -10.91 -15.47 -5.82
C VAL A 69 -11.21 -16.93 -5.55
N ILE A 70 -10.95 -17.79 -6.55
CA ILE A 70 -11.21 -19.23 -6.44
C ILE A 70 -9.91 -20.01 -6.32
N HIS A 71 -9.83 -20.86 -5.31
CA HIS A 71 -8.67 -21.69 -5.08
C HIS A 71 -9.00 -23.11 -5.62
N THR A 72 -8.25 -23.60 -6.61
CA THR A 72 -8.55 -24.92 -7.21
C THR A 72 -7.29 -25.77 -7.28
N GLU A 73 -7.00 -26.55 -6.22
CA GLU A 73 -5.85 -27.46 -6.08
C GLU A 73 -4.63 -27.09 -6.93
N ASN A 74 -3.63 -26.45 -6.30
CA ASN A 74 -2.40 -25.99 -6.96
C ASN A 74 -2.63 -24.83 -7.96
N LYS A 75 -3.81 -24.19 -7.93
CA LYS A 75 -4.13 -23.03 -8.77
C LYS A 75 -4.94 -22.00 -7.99
N LEU A 76 -4.79 -20.74 -8.37
CA LEU A 76 -5.53 -19.66 -7.78
C LEU A 76 -6.02 -18.82 -8.93
N TYR A 77 -7.33 -18.73 -9.11
CA TYR A 77 -7.90 -17.92 -10.17
C TYR A 77 -8.47 -16.64 -9.57
N LEU A 78 -8.24 -15.50 -10.24
CA LEU A 78 -8.82 -14.24 -9.81
C LEU A 78 -9.75 -13.85 -10.91
N VAL A 79 -11.02 -13.77 -10.58
CA VAL A 79 -12.05 -13.48 -11.55
C VAL A 79 -12.23 -11.99 -11.56
N PHE A 80 -11.98 -11.36 -12.70
CA PHE A 80 -12.04 -9.91 -12.87
C PHE A 80 -13.11 -9.53 -13.88
N GLU A 81 -13.55 -8.24 -13.88
CA GLU A 81 -14.46 -7.79 -14.92
C GLU A 81 -13.69 -7.76 -16.24
N PHE A 82 -14.35 -8.17 -17.30
CA PHE A 82 -13.76 -8.25 -18.61
C PHE A 82 -13.83 -6.90 -19.31
N LEU A 83 -12.78 -6.54 -20.04
CA LEU A 83 -12.63 -5.34 -20.87
C LEU A 83 -12.05 -5.80 -22.20
N HIS A 84 -12.51 -5.23 -23.31
CA HIS A 84 -12.18 -5.74 -24.63
CA HIS A 84 -12.20 -5.65 -24.66
C HIS A 84 -10.76 -5.44 -25.14
N GLN A 85 -10.12 -4.35 -24.72
CA GLN A 85 -8.81 -4.04 -25.26
C GLN A 85 -7.92 -3.31 -24.26
N ASP A 86 -6.61 -3.24 -24.54
CA ASP A 86 -5.70 -2.43 -23.75
C ASP A 86 -5.38 -1.16 -24.59
N LEU A 87 -4.92 -0.08 -23.93
CA LEU A 87 -4.64 1.22 -24.55
C LEU A 87 -3.57 1.17 -25.60
N LYS A 88 -2.56 0.29 -25.46
CA LYS A 88 -1.48 0.20 -26.43
C LYS A 88 -2.01 -0.33 -27.77
N LYS A 89 -2.86 -1.36 -27.73
CA LYS A 89 -3.44 -1.91 -28.94
C LYS A 89 -4.31 -0.88 -29.62
N PHE A 90 -5.12 -0.16 -28.83
CA PHE A 90 -5.99 0.91 -29.31
C PHE A 90 -5.20 2.03 -29.95
N MET A 91 -4.10 2.47 -29.31
CA MET A 91 -3.25 3.54 -29.81
C MET A 91 -2.56 3.15 -31.11
N ASP A 92 -2.10 1.89 -31.23
CA ASP A 92 -1.41 1.43 -32.44
C ASP A 92 -2.46 1.38 -33.57
N ALA A 93 -3.66 0.83 -33.28
CA ALA A 93 -4.76 0.75 -34.22
C ALA A 93 -5.17 2.13 -34.73
N SER A 94 -5.12 3.15 -33.87
CA SER A 94 -5.52 4.53 -34.22
C SER A 94 -4.34 5.42 -34.57
N ALA A 95 -3.16 4.86 -34.85
CA ALA A 95 -1.97 5.66 -35.08
C ALA A 95 -1.97 6.48 -36.35
N LEU A 96 -2.65 6.02 -37.41
CA LEU A 96 -2.63 6.77 -38.67
C LEU A 96 -3.59 7.96 -38.67
N THR A 97 -4.82 7.75 -38.20
CA THR A 97 -5.80 8.83 -38.11
C THR A 97 -5.53 9.72 -36.88
N GLY A 98 -5.27 9.07 -35.76
CA GLY A 98 -5.11 9.71 -34.48
C GLY A 98 -6.34 9.46 -33.62
N ILE A 99 -6.17 9.47 -32.29
CA ILE A 99 -7.32 9.32 -31.40
C ILE A 99 -7.96 10.69 -31.34
N PRO A 100 -9.30 10.80 -31.54
CA PRO A 100 -9.93 12.13 -31.48
C PRO A 100 -9.69 12.80 -30.13
N LEU A 101 -9.31 14.11 -30.15
CA LEU A 101 -9.07 14.95 -28.98
C LEU A 101 -10.13 14.79 -27.89
N PRO A 102 -11.45 14.81 -28.21
CA PRO A 102 -12.44 14.62 -27.15
C PRO A 102 -12.28 13.30 -26.41
N LEU A 103 -11.90 12.21 -27.10
CA LEU A 103 -11.65 10.90 -26.49
C LEU A 103 -10.36 10.90 -25.63
N ILE A 104 -9.28 11.60 -26.08
CA ILE A 104 -8.03 11.75 -25.32
C ILE A 104 -8.36 12.44 -23.98
N LYS A 105 -9.18 13.51 -24.05
CA LYS A 105 -9.62 14.27 -22.90
C LYS A 105 -10.44 13.41 -21.96
N SER A 106 -11.34 12.61 -22.52
CA SER A 106 -12.20 11.74 -21.74
C SER A 106 -11.40 10.65 -21.03
N TYR A 107 -10.48 9.98 -21.74
CA TYR A 107 -9.65 8.92 -21.19
C TYR A 107 -8.72 9.46 -20.12
N LEU A 108 -8.13 10.63 -20.37
CA LEU A 108 -7.26 11.27 -19.39
C LEU A 108 -8.05 11.63 -18.12
N PHE A 109 -9.26 12.21 -18.29
CA PHE A 109 -10.13 12.57 -17.16
C PHE A 109 -10.45 11.35 -16.33
N GLN A 110 -10.80 10.22 -16.97
CA GLN A 110 -11.14 9.01 -16.23
C GLN A 110 -9.92 8.45 -15.54
N LEU A 111 -8.73 8.53 -16.19
CA LEU A 111 -7.47 8.02 -15.65
C LEU A 111 -7.14 8.73 -14.39
N LEU A 112 -7.23 10.08 -14.41
CA LEU A 112 -6.94 10.95 -13.29
C LEU A 112 -7.93 10.72 -12.14
N GLN A 113 -9.18 10.35 -12.43
CA GLN A 113 -10.19 10.05 -11.39
C GLN A 113 -9.84 8.75 -10.67
N GLY A 114 -9.43 7.74 -11.45
CA GLY A 114 -8.98 6.46 -10.91
C GLY A 114 -7.74 6.68 -10.08
N LEU A 115 -6.79 7.44 -10.60
CA LEU A 115 -5.54 7.76 -9.91
C LEU A 115 -5.77 8.53 -8.61
N ALA A 116 -6.70 9.50 -8.63
CA ALA A 116 -7.07 10.28 -7.46
C ALA A 116 -7.70 9.42 -6.39
N PHE A 117 -8.53 8.46 -6.80
CA PHE A 117 -9.13 7.53 -5.85
C PHE A 117 -8.04 6.69 -5.16
N CYS A 118 -7.05 6.18 -5.94
CA CYS A 118 -5.93 5.36 -5.47
C CYS A 118 -5.11 6.15 -4.48
N HIS A 119 -4.79 7.38 -4.84
CA HIS A 119 -4.01 8.26 -4.01
C HIS A 119 -4.71 8.69 -2.72
N SER A 120 -6.04 8.85 -2.73
CA SER A 120 -6.79 9.13 -1.49
C SER A 120 -6.74 7.91 -0.55
N HIS A 121 -6.55 6.69 -1.09
CA HIS A 121 -6.34 5.47 -0.29
C HIS A 121 -4.88 5.23 0.06
N ARG A 122 -4.00 6.20 -0.27
CA ARG A 122 -2.57 6.21 -0.09
C ARG A 122 -1.88 5.10 -0.86
N VAL A 123 -2.38 4.79 -2.07
CA VAL A 123 -1.79 3.73 -2.87
C VAL A 123 -1.11 4.24 -4.13
N LEU A 124 0.17 3.88 -4.31
CA LEU A 124 0.92 4.21 -5.52
C LEU A 124 0.74 3.04 -6.48
N HIS A 125 0.42 3.30 -7.75
CA HIS A 125 0.30 2.21 -8.72
C HIS A 125 1.70 1.72 -9.08
N ARG A 126 2.65 2.65 -9.29
CA ARG A 126 4.07 2.36 -9.59
C ARG A 126 4.35 1.78 -10.98
N ASP A 127 3.34 1.30 -11.70
CA ASP A 127 3.56 0.68 -13.02
C ASP A 127 2.58 1.20 -14.09
N LEU A 128 2.29 2.51 -14.12
CA LEU A 128 1.36 3.03 -15.14
C LEU A 128 2.00 3.04 -16.50
N LYS A 129 1.31 2.41 -17.49
CA LYS A 129 1.71 2.29 -18.89
C LYS A 129 0.51 1.85 -19.74
N PRO A 130 0.54 2.13 -21.05
CA PRO A 130 -0.60 1.77 -21.92
C PRO A 130 -1.14 0.35 -21.79
N GLN A 131 -0.31 -0.70 -21.75
CA GLN A 131 -0.83 -2.07 -21.63
C GLN A 131 -1.49 -2.38 -20.26
N ASN A 132 -1.38 -1.47 -19.30
CA ASN A 132 -2.07 -1.60 -18.01
C ASN A 132 -3.38 -0.77 -17.97
N LEU A 133 -3.76 -0.13 -19.08
CA LEU A 133 -4.96 0.69 -19.12
C LEU A 133 -5.95 -0.01 -20.04
N LEU A 134 -7.00 -0.55 -19.43
CA LEU A 134 -7.98 -1.35 -20.15
C LEU A 134 -9.17 -0.54 -20.55
N ILE A 135 -9.56 -0.60 -21.83
CA ILE A 135 -10.72 0.16 -22.32
C ILE A 135 -11.88 -0.77 -22.69
N ASN A 136 -13.08 -0.21 -22.77
CA ASN A 136 -14.26 -1.00 -23.14
C ASN A 136 -14.98 -0.37 -24.35
N THR A 137 -16.01 -1.03 -24.87
CA THR A 137 -16.77 -0.51 -26.01
C THR A 137 -17.75 0.60 -25.63
N GLU A 138 -17.97 0.85 -24.33
CA GLU A 138 -18.90 1.89 -23.86
C GLU A 138 -18.23 3.22 -23.51
N GLY A 139 -16.95 3.41 -23.89
CA GLY A 139 -16.24 4.67 -23.64
C GLY A 139 -15.40 4.77 -22.38
N ALA A 140 -15.37 3.72 -21.56
CA ALA A 140 -14.60 3.73 -20.32
C ALA A 140 -13.14 3.18 -20.47
N ILE A 141 -12.25 3.65 -19.59
CA ILE A 141 -10.84 3.26 -19.43
C ILE A 141 -10.62 3.04 -17.92
N LYS A 142 -9.93 1.95 -17.58
CA LYS A 142 -9.73 1.54 -16.20
C LYS A 142 -8.29 1.12 -15.92
N LEU A 143 -7.80 1.42 -14.69
CA LEU A 143 -6.45 1.10 -14.22
C LEU A 143 -6.39 -0.36 -13.92
N ALA A 144 -5.38 -1.06 -14.46
CA ALA A 144 -5.21 -2.52 -14.26
C ALA A 144 -3.78 -2.84 -13.75
N ASP A 145 -3.50 -4.13 -13.38
CA ASP A 145 -2.23 -4.64 -12.88
C ASP A 145 -1.72 -3.87 -11.68
N PHE A 146 -2.21 -4.24 -10.51
CA PHE A 146 -1.83 -3.66 -9.23
C PHE A 146 -0.80 -4.55 -8.49
N GLY A 147 0.05 -5.24 -9.25
CA GLY A 147 1.10 -6.12 -8.71
C GLY A 147 2.21 -5.36 -8.03
N LEU A 148 2.65 -4.23 -8.65
CA LEU A 148 3.68 -3.35 -8.08
C LEU A 148 3.08 -2.27 -7.17
N ALA A 149 1.76 -2.25 -6.94
CA ALA A 149 1.10 -1.21 -6.14
C ALA A 149 1.46 -1.25 -4.67
N ARG A 150 2.06 -0.15 -4.16
CA ARG A 150 2.46 -0.10 -2.75
C ARG A 150 1.85 1.09 -2.02
N ALA A 151 1.43 0.87 -0.78
CA ALA A 151 0.88 1.92 0.07
C ALA A 151 2.02 2.66 0.74
N PHE A 152 2.00 4.02 0.68
CA PHE A 152 3.06 4.87 1.28
C PHE A 152 2.72 5.43 2.70
N VAL A 156 7.14 4.55 0.71
CA VAL A 156 7.70 3.40 -0.01
C VAL A 156 9.09 3.73 -0.51
N ARG A 157 10.01 2.74 -0.50
CA ARG A 157 11.38 2.96 -0.96
C ARG A 157 11.62 2.45 -2.39
N THR A 158 12.70 2.96 -3.05
CA THR A 158 13.06 2.60 -4.43
C THR A 158 14.04 1.42 -4.53
N TYR A 159 13.67 0.42 -5.35
CA TYR A 159 14.49 -0.79 -5.58
C TYR A 159 14.61 -1.08 -7.08
N VAL A 164 8.03 0.30 -12.90
CA VAL A 164 7.57 0.77 -14.21
C VAL A 164 8.64 0.60 -15.28
N THR A 165 8.22 0.20 -16.51
CA THR A 165 9.12 0.09 -17.66
C THR A 165 9.60 1.48 -17.98
N LEU A 166 10.91 1.56 -18.18
CA LEU A 166 11.76 2.68 -18.50
C LEU A 166 11.07 3.91 -19.08
N TRP A 167 10.29 3.74 -20.15
CA TRP A 167 9.64 4.83 -20.88
C TRP A 167 8.72 5.70 -20.05
N TYR A 168 8.07 5.11 -19.05
CA TYR A 168 7.13 5.86 -18.21
C TYR A 168 7.66 6.13 -16.81
N ARG A 169 8.98 5.96 -16.60
CA ARG A 169 9.65 6.16 -15.32
C ARG A 169 9.99 7.61 -15.07
N ALA A 170 9.65 8.11 -13.88
CA ALA A 170 9.88 9.49 -13.47
C ALA A 170 11.38 9.80 -13.32
N PRO A 171 11.82 11.05 -13.60
CA PRO A 171 13.25 11.36 -13.53
C PRO A 171 13.86 11.22 -12.16
N GLU A 172 13.09 11.42 -11.09
CA GLU A 172 13.59 11.23 -9.74
C GLU A 172 14.00 9.78 -9.52
N ILE A 173 13.26 8.82 -10.12
CA ILE A 173 13.58 7.39 -10.01
C ILE A 173 14.86 7.08 -10.73
N LEU A 174 15.02 7.64 -11.93
CA LEU A 174 16.22 7.45 -12.71
C LEU A 174 17.45 8.09 -12.05
N LEU A 175 17.25 9.18 -11.28
CA LEU A 175 18.34 9.87 -10.61
C LEU A 175 18.64 9.35 -9.18
N GLY A 176 18.13 8.18 -8.85
CA GLY A 176 18.42 7.55 -7.58
C GLY A 176 17.74 8.05 -6.32
N CYS A 177 16.53 8.67 -6.41
CA CYS A 177 15.81 9.09 -5.18
C CYS A 177 15.51 7.87 -4.32
N LYS A 178 15.57 8.00 -2.99
CA LYS A 178 15.39 6.82 -2.13
C LYS A 178 13.93 6.48 -1.88
N TYR A 179 13.04 7.47 -1.93
CA TYR A 179 11.63 7.21 -1.68
C TYR A 179 10.68 7.60 -2.83
N TYR A 180 9.72 6.73 -3.13
CA TYR A 180 8.70 6.96 -4.15
C TYR A 180 7.63 7.89 -3.60
N SER A 181 6.95 8.63 -4.48
CA SER A 181 5.81 9.45 -4.07
C SER A 181 4.65 9.29 -5.09
N THR A 182 3.51 9.94 -4.83
CA THR A 182 2.36 9.91 -5.74
C THR A 182 2.71 10.53 -7.10
N ALA A 183 3.69 11.46 -7.12
CA ALA A 183 4.17 12.14 -8.32
C ALA A 183 4.77 11.20 -9.37
N VAL A 184 5.07 9.91 -9.03
CA VAL A 184 5.60 8.99 -10.05
C VAL A 184 4.47 8.57 -11.01
N ASP A 185 3.25 8.41 -10.50
CA ASP A 185 2.07 8.03 -11.29
C ASP A 185 1.63 9.14 -12.20
N ILE A 186 1.72 10.38 -11.72
CA ILE A 186 1.38 11.59 -12.47
C ILE A 186 2.30 11.72 -13.67
N TRP A 187 3.60 11.47 -13.47
CA TRP A 187 4.61 11.50 -14.53
C TRP A 187 4.23 10.51 -15.65
N SER A 188 3.83 9.29 -15.27
CA SER A 188 3.46 8.27 -16.24
C SER A 188 2.23 8.67 -17.02
N LEU A 189 1.24 9.26 -16.35
CA LEU A 189 0.04 9.73 -17.03
C LEU A 189 0.32 10.84 -18.01
N GLY A 190 1.27 11.72 -17.70
CA GLY A 190 1.65 12.78 -18.60
C GLY A 190 2.27 12.24 -19.87
N CYS A 191 3.09 11.18 -19.73
CA CYS A 191 3.77 10.51 -20.83
C CYS A 191 2.71 9.88 -21.73
N ILE A 192 1.72 9.18 -21.10
CA ILE A 192 0.62 8.52 -21.78
C ILE A 192 -0.27 9.54 -22.48
N PHE A 193 -0.55 10.67 -21.83
CA PHE A 193 -1.32 11.79 -22.35
C PHE A 193 -0.62 12.32 -23.61
N ALA A 194 0.71 12.56 -23.55
CA ALA A 194 1.48 13.03 -24.70
C ALA A 194 1.54 11.96 -25.80
N GLU A 195 1.56 10.68 -25.43
CA GLU A 195 1.61 9.56 -26.36
C GLU A 195 0.31 9.47 -27.13
N MET A 196 -0.83 9.66 -26.43
CA MET A 196 -2.16 9.70 -27.05
C MET A 196 -2.22 10.84 -28.07
N VAL A 197 -1.64 11.99 -27.75
CA VAL A 197 -1.64 13.16 -28.61
C VAL A 197 -0.72 13.00 -29.83
N THR A 198 0.56 12.69 -29.60
CA THR A 198 1.57 12.58 -30.65
C THR A 198 1.59 11.25 -31.41
N ARG A 199 0.81 10.24 -30.99
CA ARG A 199 0.75 8.92 -31.62
C ARG A 199 2.07 8.14 -31.56
N ARG A 200 2.93 8.45 -30.58
CA ARG A 200 4.21 7.79 -30.34
C ARG A 200 4.68 8.05 -28.91
N ALA A 201 5.65 7.26 -28.42
CA ALA A 201 6.16 7.43 -27.06
C ALA A 201 6.89 8.76 -26.93
N LEU A 202 6.67 9.44 -25.83
CA LEU A 202 7.31 10.71 -25.56
C LEU A 202 8.81 10.54 -25.31
N PHE A 203 9.17 9.56 -24.46
CA PHE A 203 10.58 9.33 -24.12
C PHE A 203 10.92 7.85 -24.30
N PRO A 204 11.25 7.43 -25.53
CA PRO A 204 11.54 6.01 -25.76
C PRO A 204 12.98 5.57 -25.58
N GLY A 205 13.49 5.66 -24.36
CA GLY A 205 14.87 5.30 -24.07
C GLY A 205 15.21 3.83 -24.11
N ASP A 206 16.49 3.50 -24.27
CA ASP A 206 16.93 2.10 -24.29
C ASP A 206 17.87 1.72 -23.13
N SER A 207 18.06 2.62 -22.17
CA SER A 207 18.86 2.43 -20.96
C SER A 207 18.43 3.52 -19.97
N GLU A 208 18.89 3.45 -18.71
CA GLU A 208 18.55 4.46 -17.71
C GLU A 208 19.18 5.81 -18.04
N ILE A 209 20.42 5.79 -18.56
CA ILE A 209 21.08 7.04 -18.93
C ILE A 209 20.44 7.61 -20.19
N ASP A 210 20.06 6.73 -21.15
CA ASP A 210 19.43 7.15 -22.39
C ASP A 210 18.07 7.77 -22.08
N GLN A 211 17.30 7.14 -21.17
CA GLN A 211 16.01 7.63 -20.73
C GLN A 211 16.12 9.02 -20.13
N LEU A 212 17.14 9.24 -19.29
CA LEU A 212 17.36 10.52 -18.63
C LEU A 212 17.73 11.59 -19.66
N PHE A 213 18.61 11.26 -20.62
CA PHE A 213 19.04 12.21 -21.64
C PHE A 213 17.91 12.56 -22.58
N ARG A 214 17.06 11.59 -22.92
CA ARG A 214 15.89 11.86 -23.75
C ARG A 214 14.93 12.76 -23.02
N ILE A 215 14.76 12.59 -21.69
CA ILE A 215 13.92 13.50 -20.92
C ILE A 215 14.52 14.90 -20.92
N PHE A 216 15.84 15.02 -20.76
CA PHE A 216 16.52 16.32 -20.78
C PHE A 216 16.47 16.99 -22.14
N ARG A 217 16.41 16.24 -23.25
CA ARG A 217 16.34 16.88 -24.57
C ARG A 217 15.00 17.53 -24.83
N THR A 218 13.94 17.11 -24.13
CA THR A 218 12.61 17.69 -24.36
C THR A 218 12.28 18.75 -23.30
N LEU A 219 12.60 18.46 -22.02
CA LEU A 219 12.30 19.38 -20.92
C LEU A 219 13.47 20.29 -20.46
N GLY A 220 14.66 20.01 -20.97
CA GLY A 220 15.88 20.72 -20.60
C GLY A 220 16.62 20.03 -19.47
N THR A 221 17.95 20.17 -19.39
CA THR A 221 18.71 19.60 -18.28
C THR A 221 18.31 20.37 -16.99
N PRO A 222 17.92 19.66 -15.91
CA PRO A 222 17.46 20.37 -14.71
C PRO A 222 18.60 20.95 -13.88
N ASP A 223 18.33 22.08 -13.23
CA ASP A 223 19.30 22.74 -12.36
C ASP A 223 18.67 22.98 -10.97
N GLU A 224 19.43 23.55 -10.03
CA GLU A 224 18.90 23.80 -8.69
C GLU A 224 17.74 24.79 -8.66
N VAL A 225 17.60 25.63 -9.69
CA VAL A 225 16.50 26.58 -9.78
C VAL A 225 15.18 25.88 -10.07
N VAL A 226 15.13 25.07 -11.15
CA VAL A 226 13.90 24.36 -11.50
C VAL A 226 13.61 23.18 -10.54
N TRP A 227 14.68 22.57 -10.03
CA TRP A 227 14.55 21.44 -9.14
C TRP A 227 15.61 21.51 -8.05
N PRO A 228 15.28 22.17 -6.93
CA PRO A 228 16.24 22.19 -5.81
C PRO A 228 16.43 20.78 -5.26
N GLY A 229 17.68 20.40 -5.12
CA GLY A 229 18.06 19.07 -4.67
C GLY A 229 18.68 18.23 -5.77
N VAL A 230 18.34 18.52 -7.03
CA VAL A 230 18.79 17.75 -8.21
C VAL A 230 20.31 17.49 -8.25
N THR A 231 21.17 18.49 -7.95
CA THR A 231 22.62 18.29 -8.06
C THR A 231 23.16 17.38 -6.94
N SER A 232 22.52 17.39 -5.77
CA SER A 232 22.88 16.55 -4.61
C SER A 232 22.56 15.05 -4.82
N MET A 233 21.57 14.75 -5.67
CA MET A 233 21.05 13.42 -5.93
C MET A 233 22.09 12.37 -6.34
N PRO A 234 21.87 11.10 -5.90
CA PRO A 234 22.85 10.04 -6.14
C PRO A 234 23.34 9.82 -7.56
N ASP A 235 22.44 9.74 -8.56
CA ASP A 235 22.87 9.44 -9.93
C ASP A 235 23.02 10.69 -10.81
N TYR A 236 23.08 11.88 -10.20
CA TYR A 236 23.28 13.11 -10.95
C TYR A 236 24.77 13.28 -11.23
N LYS A 237 25.10 13.71 -12.44
CA LYS A 237 26.46 13.95 -12.85
C LYS A 237 26.56 15.39 -13.36
N PRO A 238 27.62 16.11 -12.98
CA PRO A 238 27.75 17.50 -13.45
C PRO A 238 28.02 17.59 -14.96
N SER A 239 28.57 16.49 -15.55
CA SER A 239 28.92 16.33 -16.96
C SER A 239 27.71 16.15 -17.90
N PHE A 240 26.47 16.07 -17.36
CA PHE A 240 25.25 15.93 -18.16
C PHE A 240 25.16 17.06 -19.17
N PRO A 241 24.95 16.75 -20.47
CA PRO A 241 24.91 17.82 -21.46
C PRO A 241 23.82 18.85 -21.19
N LYS A 242 24.09 20.13 -21.49
CA LYS A 242 23.11 21.18 -21.24
C LYS A 242 22.15 21.30 -22.40
N TRP A 243 20.88 20.95 -22.17
CA TRP A 243 19.88 21.01 -23.22
C TRP A 243 18.82 22.04 -22.91
N ALA A 244 18.38 22.74 -23.94
CA ALA A 244 17.35 23.76 -23.78
C ALA A 244 15.99 23.09 -23.80
N ARG A 245 15.05 23.59 -22.99
CA ARG A 245 13.70 23.05 -22.96
C ARG A 245 13.01 23.32 -24.28
N GLN A 246 12.56 22.26 -24.96
CA GLN A 246 11.84 22.44 -26.22
C GLN A 246 10.49 23.12 -25.97
N ASP A 247 10.04 23.90 -26.94
CA ASP A 247 8.77 24.60 -26.92
C ASP A 247 7.67 23.55 -26.96
N PHE A 248 6.70 23.61 -26.06
CA PHE A 248 5.61 22.64 -26.00
C PHE A 248 4.67 22.68 -27.21
N SER A 249 4.70 23.75 -28.00
CA SER A 249 3.88 23.81 -29.22
C SER A 249 4.45 22.84 -30.30
N LYS A 250 5.74 22.45 -30.19
CA LYS A 250 6.39 21.49 -31.08
C LYS A 250 6.33 20.09 -30.48
N VAL A 251 6.46 19.98 -29.14
CA VAL A 251 6.40 18.72 -28.39
C VAL A 251 5.01 18.12 -28.57
N VAL A 252 3.96 18.95 -28.40
CA VAL A 252 2.56 18.52 -28.57
C VAL A 252 1.75 19.51 -29.46
N PRO A 253 1.93 19.47 -30.79
CA PRO A 253 1.20 20.40 -31.66
C PRO A 253 -0.35 20.30 -31.62
N PRO A 254 -1.02 19.12 -31.62
CA PRO A 254 -2.50 19.13 -31.58
C PRO A 254 -3.14 19.67 -30.31
N LEU A 255 -2.32 19.95 -29.28
CA LEU A 255 -2.82 20.42 -28.01
C LEU A 255 -2.99 21.91 -27.93
N ASP A 256 -4.10 22.33 -27.34
CA ASP A 256 -4.43 23.74 -27.12
C ASP A 256 -3.60 24.32 -25.94
N GLU A 257 -3.82 25.60 -25.59
CA GLU A 257 -3.12 26.25 -24.49
C GLU A 257 -3.41 25.54 -23.16
N ASP A 258 -4.67 25.12 -22.94
CA ASP A 258 -5.08 24.40 -21.74
C ASP A 258 -4.49 22.98 -21.66
N GLY A 259 -4.21 22.36 -22.80
CA GLY A 259 -3.64 21.01 -22.85
C GLY A 259 -2.16 21.06 -22.53
N ARG A 260 -1.46 22.01 -23.15
CA ARG A 260 -0.04 22.20 -22.90
C ARG A 260 0.23 22.59 -21.45
N SER A 261 -0.69 23.34 -20.83
CA SER A 261 -0.54 23.77 -19.45
C SER A 261 -0.62 22.56 -18.54
N LEU A 262 -1.65 21.74 -18.70
CA LEU A 262 -1.80 20.54 -17.89
C LEU A 262 -0.62 19.58 -18.09
N LEU A 263 -0.21 19.34 -19.34
CA LEU A 263 0.89 18.43 -19.63
C LEU A 263 2.20 18.83 -18.98
N SER A 264 2.54 20.12 -19.03
CA SER A 264 3.77 20.60 -18.41
C SER A 264 3.70 20.54 -16.87
N GLN A 265 2.50 20.58 -16.29
CA GLN A 265 2.36 20.49 -14.83
C GLN A 265 2.54 19.04 -14.34
N MET A 266 2.11 18.06 -15.18
CA MET A 266 2.26 16.62 -14.95
C MET A 266 3.70 16.13 -15.19
N LEU A 267 4.47 16.88 -16.01
CA LEU A 267 5.85 16.56 -16.34
C LEU A 267 6.84 17.49 -15.69
N HIS A 268 6.49 18.06 -14.53
CA HIS A 268 7.39 18.96 -13.81
C HIS A 268 8.51 18.14 -13.19
N TYR A 269 9.77 18.61 -13.26
CA TYR A 269 10.90 17.87 -12.72
C TYR A 269 10.76 17.52 -11.25
N ASP A 270 10.49 18.54 -10.43
CA ASP A 270 10.37 18.48 -8.99
C ASP A 270 9.14 17.69 -8.55
N PRO A 271 9.35 16.53 -7.90
CA PRO A 271 8.19 15.75 -7.42
C PRO A 271 7.24 16.53 -6.49
N ASN A 272 7.79 17.50 -5.73
CA ASN A 272 7.00 18.33 -4.82
C ASN A 272 6.13 19.36 -5.54
N LYS A 273 6.48 19.73 -6.78
CA LYS A 273 5.70 20.72 -7.52
C LYS A 273 4.82 20.10 -8.62
N ARG A 274 5.02 18.81 -8.95
CA ARG A 274 4.24 18.10 -9.96
C ARG A 274 2.77 18.08 -9.53
N ILE A 275 1.86 18.37 -10.46
CA ILE A 275 0.43 18.48 -10.18
C ILE A 275 -0.12 17.18 -9.63
N SER A 276 -1.06 17.26 -8.70
CA SER A 276 -1.68 16.07 -8.13
C SER A 276 -2.82 15.61 -9.03
N ALA A 277 -3.31 14.37 -8.85
CA ALA A 277 -4.42 13.90 -9.68
C ALA A 277 -5.68 14.74 -9.44
N LYS A 278 -5.96 15.06 -8.18
CA LYS A 278 -7.13 15.86 -7.78
C LYS A 278 -7.02 17.27 -8.34
N ALA A 279 -5.82 17.89 -8.26
CA ALA A 279 -5.62 19.24 -8.81
C ALA A 279 -5.73 19.26 -10.34
N ALA A 280 -5.27 18.19 -11.03
CA ALA A 280 -5.34 18.07 -12.48
C ALA A 280 -6.78 17.98 -12.97
N LEU A 281 -7.65 17.30 -12.21
CA LEU A 281 -9.07 17.18 -12.55
C LEU A 281 -9.81 18.56 -12.52
N ALA A 282 -9.26 19.54 -11.79
CA ALA A 282 -9.81 20.88 -11.66
C ALA A 282 -9.16 21.87 -12.65
N HIS A 283 -8.37 21.37 -13.63
CA HIS A 283 -7.67 22.22 -14.60
C HIS A 283 -8.64 22.69 -15.68
N PRO A 284 -8.44 23.92 -16.21
CA PRO A 284 -9.32 24.40 -17.29
C PRO A 284 -9.32 23.55 -18.57
N PHE A 285 -8.42 22.56 -18.69
CA PHE A 285 -8.45 21.63 -19.83
C PHE A 285 -9.74 20.77 -19.76
N PHE A 286 -10.24 20.50 -18.53
CA PHE A 286 -11.47 19.74 -18.30
C PHE A 286 -12.61 20.67 -17.76
N GLN A 287 -12.66 21.95 -18.18
CA GLN A 287 -13.74 22.85 -17.71
C GLN A 287 -15.11 22.32 -18.18
N ASP A 288 -15.14 21.79 -19.40
CA ASP A 288 -16.30 21.19 -20.05
C ASP A 288 -16.73 19.90 -19.34
N VAL A 289 -15.78 18.98 -19.05
CA VAL A 289 -16.07 17.71 -18.39
C VAL A 289 -16.42 17.86 -16.88
N THR A 290 -15.79 18.83 -16.19
CA THR A 290 -16.02 19.04 -14.75
C THR A 290 -17.20 20.02 -14.48
N LYS A 291 -17.84 19.86 -13.30
CA LYS A 291 -18.98 20.68 -12.88
C LYS A 291 -18.63 21.45 -11.59
N PRO A 292 -19.07 22.72 -11.45
CA PRO A 292 -18.74 23.47 -10.23
C PRO A 292 -19.47 22.97 -8.97
N VAL A 293 -18.72 22.85 -7.87
CA VAL A 293 -19.22 22.36 -6.58
C VAL A 293 -19.05 23.45 -5.49
N PRO A 294 -20.12 23.78 -4.74
CA PRO A 294 -19.99 24.80 -3.70
C PRO A 294 -19.11 24.36 -2.53
N HIS A 295 -18.18 25.22 -2.12
CA HIS A 295 -17.28 24.92 -1.02
C HIS A 295 -17.81 25.44 0.31
N LEU A 296 -17.78 24.58 1.34
CA LEU A 296 -18.20 24.97 2.67
C LEU A 296 -16.94 25.34 3.45
N ARG A 297 -16.76 26.65 3.72
CA ARG A 297 -15.58 27.17 4.42
C ARG A 297 -15.43 26.56 5.83
N LEU A 298 -16.39 26.81 6.74
CA LEU A 298 -16.39 26.33 8.11
C LEU A 298 -15.03 26.39 8.83
N GLY B 9 -12.94 14.58 15.06
CA GLY B 9 -12.09 15.54 14.36
C GLY B 9 -11.23 14.91 13.30
N SER B 10 -10.21 15.64 12.81
CA SER B 10 -9.23 15.22 11.81
C SER B 10 -7.94 15.99 12.03
N PRO B 11 -6.83 15.30 12.34
CA PRO B 11 -5.58 16.01 12.61
C PRO B 11 -4.67 16.17 11.41
N LEU B 12 -5.13 15.80 10.21
CA LEU B 12 -4.28 15.86 9.02
C LEU B 12 -4.12 17.29 8.53
N PRO B 13 -2.90 17.65 8.08
CA PRO B 13 -2.72 18.97 7.48
C PRO B 13 -3.33 19.05 6.05
N VAL B 14 -3.21 20.21 5.38
CA VAL B 14 -3.66 20.32 3.99
C VAL B 14 -2.67 19.49 3.14
N LEU B 15 -3.20 18.51 2.41
CA LEU B 15 -2.38 17.60 1.60
C LEU B 15 -2.36 18.04 0.13
N SER B 16 -1.19 17.96 -0.50
CA SER B 16 -1.06 18.33 -1.90
C SER B 16 -1.62 17.23 -2.80
N TRP B 17 -1.22 15.97 -2.56
CA TRP B 17 -1.57 14.77 -3.33
C TRP B 17 -3.05 14.38 -3.30
N ALA B 18 -3.78 14.71 -2.24
CA ALA B 18 -5.21 14.37 -2.13
C ALA B 18 -5.94 15.29 -1.11
N ASN B 19 -7.28 15.27 -1.09
CA ASN B 19 -8.08 16.05 -0.15
C ASN B 19 -7.95 15.37 1.23
N ARG B 20 -7.53 16.11 2.26
CA ARG B 20 -7.34 15.53 3.60
C ARG B 20 -8.62 14.96 4.22
N GLU B 21 -9.80 15.48 3.81
CA GLU B 21 -11.07 14.95 4.33
C GLU B 21 -11.28 13.53 3.82
N GLU B 22 -10.98 13.28 2.53
CA GLU B 22 -11.13 11.96 1.93
C GLU B 22 -10.10 10.99 2.51
N VAL B 23 -8.82 11.40 2.60
CA VAL B 23 -7.74 10.57 3.12
C VAL B 23 -8.04 10.09 4.53
N TRP B 24 -8.47 11.01 5.40
CA TRP B 24 -8.81 10.71 6.78
C TRP B 24 -10.08 9.85 6.94
N LYS B 25 -11.09 10.05 6.07
CA LYS B 25 -12.34 9.28 6.12
C LYS B 25 -12.13 7.82 5.76
N ILE B 26 -11.30 7.58 4.75
CA ILE B 26 -10.95 6.23 4.31
C ILE B 26 -10.21 5.52 5.45
N MET B 27 -9.33 6.22 6.15
CA MET B 27 -8.60 5.66 7.27
C MET B 27 -9.53 5.32 8.42
N LEU B 28 -10.53 6.19 8.69
CA LEU B 28 -11.52 5.92 9.73
C LEU B 28 -12.43 4.77 9.36
N ASN B 29 -12.79 4.66 8.06
CA ASN B 29 -13.59 3.58 7.50
C ASN B 29 -12.84 2.26 7.56
N LYS B 30 -11.50 2.27 7.38
CA LYS B 30 -10.71 1.03 7.47
C LYS B 30 -10.86 0.41 8.86
N GLU B 31 -10.76 1.25 9.90
CA GLU B 31 -10.95 0.86 11.30
C GLU B 31 -12.41 0.39 11.57
N LYS B 32 -13.39 0.90 10.79
CA LYS B 32 -14.79 0.51 10.92
C LYS B 32 -14.95 -0.94 10.44
N THR B 33 -14.56 -1.23 9.19
CA THR B 33 -14.70 -2.53 8.53
C THR B 33 -13.75 -3.65 9.06
N TYR B 34 -12.58 -3.31 9.64
CA TYR B 34 -11.71 -4.34 10.21
C TYR B 34 -12.10 -4.50 11.68
N LEU B 35 -12.72 -5.64 12.03
CA LEU B 35 -13.24 -5.84 13.37
C LEU B 35 -12.43 -6.74 14.28
N ARG B 36 -12.36 -6.39 15.56
CA ARG B 36 -11.63 -7.19 16.53
C ARG B 36 -12.50 -7.52 17.75
N ASP B 37 -12.34 -8.71 18.33
CA ASP B 37 -13.19 -9.15 19.44
C ASP B 37 -12.34 -9.47 20.66
N GLN B 38 -12.48 -8.70 21.75
CA GLN B 38 -11.73 -9.00 22.97
C GLN B 38 -12.18 -10.32 23.65
N HIS B 39 -13.33 -10.90 23.22
CA HIS B 39 -13.82 -12.17 23.75
C HIS B 39 -13.77 -13.27 22.68
N PHE B 40 -12.83 -13.20 21.72
CA PHE B 40 -12.76 -14.24 20.68
C PHE B 40 -12.37 -15.60 21.25
N LEU B 41 -11.64 -15.63 22.39
CA LEU B 41 -11.23 -16.89 22.99
C LEU B 41 -12.38 -17.67 23.65
N GLU B 42 -13.54 -17.02 23.87
CA GLU B 42 -14.74 -17.72 24.37
C GLU B 42 -15.24 -18.75 23.34
N GLN B 43 -14.98 -18.51 22.03
CA GLN B 43 -15.30 -19.44 20.94
C GLN B 43 -14.39 -20.71 20.98
N HIS B 44 -13.27 -20.66 21.70
CA HIS B 44 -12.32 -21.75 21.85
C HIS B 44 -12.23 -22.07 23.35
N PRO B 45 -13.12 -22.94 23.88
CA PRO B 45 -13.14 -23.22 25.32
C PRO B 45 -11.88 -23.83 25.92
N LEU B 46 -11.08 -24.53 25.13
CA LEU B 46 -9.82 -25.12 25.65
C LEU B 46 -8.67 -24.10 25.75
N LEU B 47 -8.88 -22.88 25.24
CA LEU B 47 -7.89 -21.82 25.23
C LEU B 47 -8.09 -20.77 26.33
N GLN B 48 -6.97 -20.30 26.90
CA GLN B 48 -6.91 -19.26 27.94
C GLN B 48 -6.07 -18.06 27.40
N PRO B 49 -6.43 -16.81 27.80
CA PRO B 49 -5.69 -15.63 27.28
C PRO B 49 -4.17 -15.60 27.42
N LYS B 50 -3.59 -16.31 28.41
CA LYS B 50 -2.13 -16.35 28.58
C LYS B 50 -1.43 -17.08 27.40
N MET B 51 -2.15 -17.94 26.66
CA MET B 51 -1.61 -18.67 25.51
C MET B 51 -1.39 -17.67 24.35
N ARG B 52 -2.36 -16.76 24.13
CA ARG B 52 -2.28 -15.75 23.09
C ARG B 52 -1.09 -14.82 23.36
N ALA B 53 -0.91 -14.40 24.61
CA ALA B 53 0.18 -13.53 25.00
C ALA B 53 1.53 -14.20 24.79
N ILE B 54 1.64 -15.49 25.14
CA ILE B 54 2.87 -16.23 24.99
C ILE B 54 3.22 -16.42 23.50
N LEU B 55 2.20 -16.69 22.68
CA LEU B 55 2.37 -16.82 21.24
C LEU B 55 2.79 -15.49 20.57
N LEU B 56 2.08 -14.38 20.88
CA LEU B 56 2.42 -13.08 20.32
C LEU B 56 3.80 -12.63 20.77
N ASP B 57 4.16 -12.92 22.03
CA ASP B 57 5.49 -12.62 22.54
C ASP B 57 6.54 -13.41 21.76
N TRP B 58 6.26 -14.71 21.47
CA TRP B 58 7.16 -15.54 20.69
C TRP B 58 7.36 -14.98 19.26
N LEU B 59 6.27 -14.58 18.60
CA LEU B 59 6.36 -13.98 17.27
C LEU B 59 7.21 -12.73 17.25
N MET B 60 7.14 -11.92 18.33
CA MET B 60 7.91 -10.69 18.53
C MET B 60 9.41 -11.06 18.59
N GLU B 61 9.72 -12.13 19.32
CA GLU B 61 11.06 -12.67 19.49
C GLU B 61 11.63 -13.13 18.13
N VAL B 62 10.83 -13.92 17.35
CA VAL B 62 11.32 -14.37 16.05
C VAL B 62 11.44 -13.18 15.07
N CYS B 63 10.57 -12.16 15.20
CA CYS B 63 10.62 -10.95 14.40
C CYS B 63 11.95 -10.23 14.58
N GLU B 64 12.39 -10.03 15.84
CA GLU B 64 13.66 -9.38 16.10
C GLU B 64 14.82 -10.18 15.51
N VAL B 65 14.83 -11.51 15.71
CA VAL B 65 15.86 -12.43 15.21
C VAL B 65 16.04 -12.30 13.69
N TYR B 66 14.93 -12.03 12.96
CA TYR B 66 15.01 -11.85 11.51
C TYR B 66 14.95 -10.42 11.04
N LYS B 67 15.05 -9.44 11.97
CA LYS B 67 15.02 -7.99 11.70
C LYS B 67 13.78 -7.58 10.90
N LEU B 68 12.66 -8.16 11.29
CA LEU B 68 11.40 -7.86 10.65
C LEU B 68 10.82 -6.58 11.23
N HIS B 69 10.11 -5.82 10.39
CA HIS B 69 9.48 -4.58 10.80
C HIS B 69 8.39 -4.76 11.85
N ARG B 70 8.09 -3.69 12.60
CA ARG B 70 7.03 -3.70 13.61
C ARG B 70 5.66 -3.86 12.93
N GLU B 71 5.51 -3.29 11.71
CA GLU B 71 4.30 -3.44 10.90
C GLU B 71 4.10 -4.91 10.56
N THR B 72 5.17 -5.65 10.27
CA THR B 72 5.09 -7.07 9.98
C THR B 72 4.57 -7.80 11.21
N PHE B 73 5.13 -7.52 12.40
CA PHE B 73 4.60 -8.12 13.62
C PHE B 73 3.11 -7.78 13.84
N TYR B 74 2.71 -6.51 13.73
CA TYR B 74 1.32 -6.11 13.96
C TYR B 74 0.35 -6.62 12.89
N LEU B 75 0.84 -6.86 11.68
CA LEU B 75 0.02 -7.47 10.61
C LEU B 75 -0.25 -8.90 11.06
N ALA B 76 0.77 -9.65 11.48
CA ALA B 76 0.59 -11.03 11.98
C ALA B 76 -0.33 -11.12 13.19
N GLN B 77 -0.21 -10.18 14.16
CA GLN B 77 -1.03 -10.11 15.38
C GLN B 77 -2.48 -9.90 14.98
N ASP B 78 -2.71 -8.96 14.06
CA ASP B 78 -4.07 -8.65 13.63
C ASP B 78 -4.68 -9.83 12.85
N PHE B 79 -3.89 -10.46 11.97
CA PHE B 79 -4.35 -11.61 11.19
C PHE B 79 -4.67 -12.77 12.14
N PHE B 80 -3.84 -12.99 13.18
CA PHE B 80 -4.07 -14.04 14.16
C PHE B 80 -5.41 -13.81 14.89
N ASP B 81 -5.59 -12.65 15.55
CA ASP B 81 -6.80 -12.35 16.30
C ASP B 81 -8.05 -12.36 15.43
N ARG B 82 -7.96 -11.82 14.22
CA ARG B 82 -9.11 -11.78 13.33
C ARG B 82 -9.44 -13.16 12.80
N TYR B 83 -8.43 -14.01 12.53
CA TYR B 83 -8.67 -15.37 12.01
C TYR B 83 -9.27 -16.23 13.10
N MET B 84 -8.72 -16.13 14.31
CA MET B 84 -9.22 -16.88 15.45
C MET B 84 -10.67 -16.56 15.77
N ALA B 85 -11.16 -15.37 15.41
CA ALA B 85 -12.56 -15.02 15.62
C ALA B 85 -13.53 -15.63 14.56
N THR B 86 -12.97 -16.24 13.51
CA THR B 86 -13.73 -16.93 12.47
C THR B 86 -13.78 -18.45 12.74
N GLN B 87 -12.97 -18.94 13.70
CA GLN B 87 -12.80 -20.33 14.07
C GLN B 87 -13.47 -20.69 15.40
N GLU B 88 -13.56 -21.99 15.68
CA GLU B 88 -14.16 -22.52 16.90
C GLU B 88 -13.38 -23.72 17.35
N ASN B 89 -13.35 -23.95 18.66
CA ASN B 89 -12.74 -25.14 19.23
C ASN B 89 -11.30 -25.42 18.76
N VAL B 90 -10.42 -24.43 18.86
CA VAL B 90 -9.02 -24.61 18.48
C VAL B 90 -8.22 -25.06 19.68
N VAL B 91 -7.34 -26.04 19.51
CA VAL B 91 -6.48 -26.53 20.60
C VAL B 91 -5.16 -25.75 20.63
N LYS B 92 -4.50 -25.66 21.80
CA LYS B 92 -3.24 -24.92 21.93
C LYS B 92 -2.10 -25.52 21.07
N THR B 93 -2.17 -26.81 20.69
CA THR B 93 -1.12 -27.40 19.85
C THR B 93 -1.11 -26.80 18.41
N LEU B 94 -2.26 -26.28 17.96
CA LEU B 94 -2.41 -25.64 16.64
C LEU B 94 -2.03 -24.13 16.65
N LEU B 95 -1.81 -23.53 17.84
CA LEU B 95 -1.54 -22.11 17.94
C LEU B 95 -0.21 -21.70 17.34
N GLN B 96 0.83 -22.54 17.43
CA GLN B 96 2.12 -22.18 16.82
C GLN B 96 2.02 -22.09 15.29
N LEU B 97 1.19 -22.95 14.67
CA LEU B 97 1.05 -22.99 13.21
C LEU B 97 0.30 -21.79 12.70
N ILE B 98 -0.79 -21.43 13.39
CA ILE B 98 -1.60 -20.27 13.03
C ILE B 98 -0.78 -18.97 13.13
N GLY B 99 0.04 -18.88 14.18
CA GLY B 99 0.93 -17.75 14.43
C GLY B 99 2.04 -17.58 13.41
N ILE B 100 2.87 -18.61 13.19
CA ILE B 100 3.97 -18.51 12.22
C ILE B 100 3.44 -18.35 10.77
N SER B 101 2.20 -18.82 10.48
CA SER B 101 1.63 -18.64 9.13
C SER B 101 1.15 -17.21 8.94
N SER B 102 0.58 -16.61 10.01
CA SER B 102 0.18 -15.20 10.05
C SER B 102 1.44 -14.32 9.81
N LEU B 103 2.55 -14.70 10.43
CA LEU B 103 3.81 -13.99 10.29
C LEU B 103 4.38 -14.12 8.88
N PHE B 104 4.21 -15.32 8.26
CA PHE B 104 4.68 -15.61 6.91
C PHE B 104 3.92 -14.75 5.89
N ILE B 105 2.58 -14.67 6.00
CA ILE B 105 1.76 -13.82 5.12
C ILE B 105 2.16 -12.35 5.30
N ALA B 106 2.33 -11.94 6.58
CA ALA B 106 2.68 -10.55 6.86
C ALA B 106 4.04 -10.20 6.28
N ALA B 107 5.08 -11.04 6.47
CA ALA B 107 6.40 -10.75 5.94
C ALA B 107 6.38 -10.68 4.43
N LYS B 108 5.59 -11.54 3.77
CA LYS B 108 5.50 -11.53 2.32
C LYS B 108 4.96 -10.19 1.82
N LEU B 109 3.91 -9.69 2.46
CA LEU B 109 3.24 -8.40 2.21
C LEU B 109 4.08 -7.15 2.55
N GLU B 110 4.69 -7.09 3.73
CA GLU B 110 5.39 -5.91 4.21
C GLU B 110 6.90 -5.84 3.91
N GLU B 111 7.62 -6.97 3.99
CA GLU B 111 9.06 -6.95 3.74
C GLU B 111 9.39 -6.90 2.25
N ILE B 112 10.57 -6.39 1.90
CA ILE B 112 11.03 -6.31 0.51
C ILE B 112 11.64 -7.64 0.12
N TYR B 113 12.48 -8.20 1.00
CA TYR B 113 13.08 -9.50 0.80
C TYR B 113 12.79 -10.23 2.07
N PRO B 114 11.60 -10.84 2.17
CA PRO B 114 11.23 -11.52 3.41
C PRO B 114 12.02 -12.81 3.65
N PRO B 115 11.99 -13.35 4.89
CA PRO B 115 12.67 -14.64 5.12
C PRO B 115 12.01 -15.74 4.31
N LYS B 116 12.77 -16.79 3.98
CA LYS B 116 12.25 -17.88 3.19
C LYS B 116 11.36 -18.79 4.03
N LEU B 117 10.48 -19.54 3.37
CA LEU B 117 9.56 -20.49 4.00
C LEU B 117 10.28 -21.44 4.94
N HIS B 118 11.47 -21.94 4.55
CA HIS B 118 12.21 -22.87 5.42
C HIS B 118 12.67 -22.22 6.73
N GLN B 119 12.86 -20.91 6.73
CA GLN B 119 13.24 -20.18 7.94
C GLN B 119 12.06 -20.07 8.90
N PHE B 120 10.83 -19.97 8.38
CA PHE B 120 9.63 -19.93 9.22
C PHE B 120 9.38 -21.33 9.82
N ALA B 121 9.64 -22.39 9.04
CA ALA B 121 9.49 -23.76 9.53
C ALA B 121 10.56 -24.03 10.61
N TYR B 122 11.80 -23.57 10.37
CA TYR B 122 12.94 -23.76 11.26
C TYR B 122 12.69 -23.26 12.69
N VAL B 123 12.26 -21.98 12.85
CA VAL B 123 12.04 -21.41 14.17
C VAL B 123 11.02 -22.19 15.03
N THR B 124 10.25 -23.11 14.42
CA THR B 124 9.30 -23.93 15.16
C THR B 124 9.90 -25.25 15.70
N ASP B 125 11.14 -25.57 15.32
CA ASP B 125 11.85 -26.80 15.70
C ASP B 125 11.10 -28.12 15.30
N GLY B 126 10.53 -28.13 14.10
CA GLY B 126 9.86 -29.33 13.59
C GLY B 126 8.39 -29.50 13.94
N ALA B 127 7.83 -28.59 14.74
CA ALA B 127 6.39 -28.65 15.05
C ALA B 127 5.55 -28.16 13.85
N CYS B 128 6.18 -27.42 12.91
CA CYS B 128 5.57 -26.88 11.71
C CYS B 128 6.49 -27.09 10.53
N SER B 129 5.95 -27.67 9.48
CA SER B 129 6.68 -27.89 8.25
C SER B 129 6.27 -26.80 7.26
N GLY B 130 7.05 -26.64 6.19
CA GLY B 130 6.77 -25.69 5.12
C GLY B 130 5.42 -25.98 4.46
N ASP B 131 5.10 -27.28 4.29
CA ASP B 131 3.83 -27.71 3.68
C ASP B 131 2.65 -27.33 4.54
N GLU B 132 2.80 -27.44 5.85
CA GLU B 132 1.74 -27.09 6.79
C GLU B 132 1.52 -25.60 6.79
N ILE B 133 2.60 -24.80 6.76
CA ILE B 133 2.51 -23.35 6.71
C ILE B 133 1.84 -22.92 5.41
N LEU B 134 2.14 -23.59 4.27
CA LEU B 134 1.50 -23.26 3.00
C LEU B 134 0.01 -23.61 2.98
N THR B 135 -0.39 -24.68 3.66
CA THR B 135 -1.78 -25.07 3.73
C THR B 135 -2.50 -24.06 4.63
N MET B 136 -1.92 -23.78 5.81
CA MET B 136 -2.48 -22.85 6.80
C MET B 136 -2.59 -21.40 6.28
N GLU B 137 -1.62 -20.92 5.48
CA GLU B 137 -1.68 -19.56 4.96
C GLU B 137 -2.93 -19.37 4.11
N LEU B 138 -3.26 -20.37 3.27
CA LEU B 138 -4.45 -20.35 2.41
C LEU B 138 -5.73 -20.45 3.23
N MET B 139 -5.70 -21.19 4.36
CA MET B 139 -6.85 -21.27 5.26
C MET B 139 -7.09 -19.91 5.92
N ILE B 140 -6.02 -19.26 6.44
CA ILE B 140 -6.11 -17.94 7.07
C ILE B 140 -6.59 -16.88 6.07
N MET B 141 -5.97 -16.83 4.88
CA MET B 141 -6.34 -15.82 3.88
C MET B 141 -7.77 -15.96 3.37
N LYS B 142 -8.23 -17.20 3.17
CA LYS B 142 -9.58 -17.45 2.71
C LYS B 142 -10.59 -17.16 3.82
N ALA B 143 -10.28 -17.54 5.09
CA ALA B 143 -11.16 -17.28 6.24
C ALA B 143 -11.24 -15.79 6.57
N LEU B 144 -10.16 -15.04 6.33
CA LEU B 144 -10.19 -13.59 6.51
C LEU B 144 -10.79 -12.88 5.31
N LYS B 145 -11.30 -13.63 4.29
CA LYS B 145 -11.92 -13.11 3.07
C LYS B 145 -10.98 -12.21 2.26
N TRP B 146 -9.66 -12.50 2.33
CA TRP B 146 -8.59 -11.75 1.69
C TRP B 146 -8.49 -10.29 2.17
N ARG B 147 -9.01 -9.99 3.39
CA ARG B 147 -8.97 -8.68 4.02
C ARG B 147 -7.70 -8.58 4.85
N LEU B 148 -6.60 -8.25 4.17
CA LEU B 148 -5.25 -8.26 4.73
C LEU B 148 -4.55 -6.91 4.73
N SER B 149 -5.31 -5.82 4.60
CA SER B 149 -4.76 -4.47 4.60
C SER B 149 -5.27 -3.67 5.84
N PRO B 150 -5.03 -4.15 7.09
CA PRO B 150 -5.52 -3.39 8.24
C PRO B 150 -4.61 -2.22 8.56
N LEU B 151 -5.12 -1.28 9.37
CA LEU B 151 -4.31 -0.20 9.88
C LEU B 151 -3.89 -0.73 11.22
N THR B 152 -2.65 -1.21 11.34
CA THR B 152 -2.18 -1.79 12.60
C THR B 152 -2.09 -0.76 13.75
N ILE B 153 -1.92 -1.25 14.99
CA ILE B 153 -1.71 -0.40 16.15
C ILE B 153 -0.43 0.48 15.92
N VAL B 154 0.62 -0.12 15.34
CA VAL B 154 1.87 0.59 15.10
C VAL B 154 1.78 1.56 13.91
N SER B 155 0.89 1.33 12.94
CA SER B 155 0.72 2.28 11.83
C SER B 155 0.12 3.62 12.35
N TRP B 156 -0.76 3.53 13.35
CA TRP B 156 -1.37 4.70 13.96
C TRP B 156 -0.32 5.49 14.69
N LEU B 157 0.60 4.84 15.45
CA LEU B 157 1.71 5.54 16.10
C LEU B 157 2.56 6.29 15.07
N ASN B 158 2.75 5.69 13.91
CA ASN B 158 3.48 6.26 12.80
C ASN B 158 2.78 7.48 12.23
N VAL B 159 1.46 7.42 12.10
CA VAL B 159 0.65 8.52 11.61
C VAL B 159 0.74 9.69 12.60
N TYR B 160 0.60 9.39 13.89
CA TYR B 160 0.66 10.41 14.93
C TYR B 160 2.03 11.09 14.99
N MET B 161 3.12 10.31 14.87
CA MET B 161 4.46 10.88 14.88
C MET B 161 4.72 11.75 13.64
N GLN B 162 4.15 11.37 12.50
CA GLN B 162 4.31 12.13 11.26
C GLN B 162 3.65 13.51 11.38
N VAL B 163 2.45 13.58 11.98
CA VAL B 163 1.71 14.82 12.20
C VAL B 163 2.43 15.72 13.23
N ALA B 164 2.98 15.12 14.29
CA ALA B 164 3.69 15.86 15.33
C ALA B 164 4.94 16.56 14.83
N TYR B 165 5.64 15.94 13.89
CA TYR B 165 6.90 16.49 13.37
C TYR B 165 6.73 17.01 11.97
N LEU B 166 5.75 17.86 11.86
CA LEU B 166 5.32 18.58 10.68
C LEU B 166 4.79 19.92 11.20
N ASN B 167 3.97 19.89 12.29
CA ASN B 167 3.39 21.06 12.95
C ASN B 167 4.47 21.87 13.70
N GLN B 176 9.86 12.59 8.42
CA GLN B 176 10.74 12.08 9.47
C GLN B 176 10.41 12.69 10.86
N TYR B 177 10.70 11.91 11.93
CA TYR B 177 10.44 12.19 13.34
C TYR B 177 11.52 11.48 14.25
N PRO B 178 11.60 11.77 15.58
CA PRO B 178 12.62 11.11 16.43
C PRO B 178 12.33 9.65 16.84
N GLN B 179 13.33 8.81 16.57
CA GLN B 179 13.40 7.37 16.77
C GLN B 179 13.26 6.89 18.22
N GLN B 180 13.93 7.57 19.15
CA GLN B 180 13.94 7.21 20.56
C GLN B 180 12.54 7.30 21.21
N ILE B 181 11.82 8.38 20.97
CA ILE B 181 10.48 8.56 21.53
C ILE B 181 9.52 7.52 20.93
N PHE B 182 9.64 7.27 19.63
CA PHE B 182 8.84 6.28 18.91
C PHE B 182 8.97 4.89 19.53
N ILE B 183 10.21 4.42 19.75
CA ILE B 183 10.40 3.08 20.28
C ILE B 183 9.91 2.97 21.72
N GLN B 184 9.90 4.07 22.49
CA GLN B 184 9.43 4.02 23.86
C GLN B 184 7.93 3.83 23.89
N ILE B 185 7.21 4.56 23.04
CA ILE B 185 5.75 4.39 22.95
C ILE B 185 5.45 2.99 22.37
N ALA B 186 6.18 2.57 21.32
CA ALA B 186 5.97 1.27 20.69
C ALA B 186 6.15 0.14 21.71
N GLU B 187 7.13 0.27 22.61
CA GLU B 187 7.44 -0.67 23.69
C GLU B 187 6.27 -0.83 24.64
N LEU B 188 5.52 0.25 24.88
CA LEU B 188 4.35 0.23 25.75
C LEU B 188 3.18 -0.44 25.01
N LEU B 189 3.02 -0.15 23.70
CA LEU B 189 2.00 -0.77 22.87
C LEU B 189 2.25 -2.30 22.76
N ASP B 190 3.52 -2.75 22.71
CA ASP B 190 3.88 -4.17 22.66
C ASP B 190 3.47 -4.91 23.91
N LEU B 191 3.53 -4.23 25.06
CA LEU B 191 3.15 -4.83 26.32
C LEU B 191 1.63 -4.98 26.34
N CYS B 192 0.90 -3.94 25.91
CA CYS B 192 -0.56 -3.92 25.87
C CYS B 192 -1.12 -4.97 24.96
N VAL B 193 -0.50 -5.14 23.79
CA VAL B 193 -1.02 -6.08 22.79
C VAL B 193 -1.04 -7.52 23.31
N LEU B 194 -0.20 -7.88 24.29
CA LEU B 194 -0.24 -9.22 24.88
C LEU B 194 -1.53 -9.50 25.70
N ASP B 195 -2.30 -8.45 26.05
CA ASP B 195 -3.55 -8.61 26.78
C ASP B 195 -4.70 -8.51 25.78
N VAL B 196 -5.50 -9.57 25.64
CA VAL B 196 -6.64 -9.57 24.72
C VAL B 196 -7.66 -8.45 25.03
N ASP B 197 -7.63 -7.87 26.25
CA ASP B 197 -8.53 -6.76 26.59
C ASP B 197 -8.26 -5.48 25.81
N CYS B 198 -7.02 -5.33 25.28
CA CYS B 198 -6.67 -4.21 24.42
C CYS B 198 -7.61 -4.15 23.18
N LEU B 199 -8.09 -5.33 22.70
CA LEU B 199 -8.98 -5.42 21.55
C LEU B 199 -10.34 -4.77 21.76
N GLU B 200 -10.66 -4.36 23.00
CA GLU B 200 -11.87 -3.58 23.26
C GLU B 200 -11.77 -2.22 22.57
N PHE B 201 -10.54 -1.67 22.48
CA PHE B 201 -10.32 -0.33 21.95
C PHE B 201 -9.83 -0.33 20.53
N PRO B 202 -10.40 0.57 19.69
CA PRO B 202 -9.90 0.68 18.31
C PRO B 202 -8.39 0.92 18.30
N TYR B 203 -7.70 0.37 17.32
CA TYR B 203 -6.25 0.46 17.20
C TYR B 203 -5.69 1.89 17.32
N GLY B 204 -6.44 2.85 16.78
CA GLY B 204 -6.08 4.27 16.81
C GLY B 204 -6.18 4.89 18.17
N ILE B 205 -7.04 4.35 19.06
CA ILE B 205 -7.23 4.77 20.44
C ILE B 205 -6.13 4.18 21.34
N LEU B 206 -5.71 2.94 21.08
CA LEU B 206 -4.63 2.33 21.85
C LEU B 206 -3.32 3.11 21.61
N ALA B 207 -3.03 3.48 20.35
CA ALA B 207 -1.84 4.25 19.98
C ALA B 207 -1.95 5.69 20.49
N ALA B 208 -3.15 6.28 20.50
CA ALA B 208 -3.33 7.65 21.01
C ALA B 208 -3.14 7.68 22.53
N SER B 209 -3.58 6.63 23.22
CA SER B 209 -3.45 6.53 24.67
C SER B 209 -2.02 6.21 25.08
N ALA B 210 -1.29 5.42 24.26
CA ALA B 210 0.11 5.15 24.56
C ALA B 210 0.94 6.43 24.38
N LEU B 211 0.61 7.23 23.34
CA LEU B 211 1.27 8.50 23.07
C LEU B 211 1.00 9.51 24.19
N TYR B 212 -0.25 9.55 24.72
CA TYR B 212 -0.63 10.40 25.84
C TYR B 212 0.24 10.06 27.07
N HIS B 213 0.40 8.76 27.39
CA HIS B 213 1.18 8.37 28.55
C HIS B 213 2.65 8.84 28.49
N PHE B 214 3.12 9.23 27.30
CA PHE B 214 4.47 9.72 27.07
C PHE B 214 4.51 11.20 26.72
N SER B 215 3.38 11.93 26.82
CA SER B 215 3.34 13.34 26.50
C SER B 215 2.18 14.04 27.26
N SER B 216 1.15 14.47 26.56
CA SER B 216 0.04 15.19 27.14
C SER B 216 -1.20 14.96 26.32
N SER B 217 -2.34 15.37 26.87
CA SER B 217 -3.65 15.30 26.24
C SER B 217 -3.73 16.26 25.05
N GLU B 218 -3.07 17.42 25.16
CA GLU B 218 -3.02 18.46 24.16
C GLU B 218 -2.31 17.92 22.92
N LEU B 219 -1.18 17.22 23.12
CA LEU B 219 -0.46 16.67 21.98
C LEU B 219 -1.23 15.53 21.31
N MET B 220 -1.89 14.64 22.09
CA MET B 220 -2.60 13.54 21.45
C MET B 220 -3.81 14.07 20.66
N GLN B 221 -4.49 15.13 21.15
CA GLN B 221 -5.60 15.71 20.40
C GLN B 221 -5.10 16.36 19.10
N LYS B 222 -3.91 16.95 19.14
CA LYS B 222 -3.32 17.60 17.97
C LYS B 222 -2.88 16.61 16.88
N VAL B 223 -2.30 15.46 17.26
CA VAL B 223 -1.80 14.50 16.28
C VAL B 223 -2.79 13.41 15.91
N SER B 224 -3.80 13.15 16.76
CA SER B 224 -4.77 12.09 16.53
C SER B 224 -6.20 12.56 16.27
N GLY B 225 -6.50 13.80 16.61
CA GLY B 225 -7.84 14.33 16.43
C GLY B 225 -8.81 13.94 17.53
N TYR B 226 -8.48 12.90 18.31
CA TYR B 226 -9.33 12.44 19.41
C TYR B 226 -9.45 13.48 20.51
N GLN B 227 -10.58 13.46 21.21
CA GLN B 227 -10.80 14.31 22.36
C GLN B 227 -10.42 13.49 23.60
N TRP B 228 -10.23 14.13 24.75
CA TRP B 228 -9.87 13.41 25.98
C TRP B 228 -10.91 12.33 26.33
N CYS B 229 -12.20 12.67 26.20
CA CYS B 229 -13.29 11.75 26.49
C CYS B 229 -13.20 10.45 25.68
N ASP B 230 -12.70 10.56 24.43
CA ASP B 230 -12.53 9.40 23.55
C ASP B 230 -11.51 8.39 24.08
N ILE B 231 -10.32 8.87 24.49
CA ILE B 231 -9.27 7.97 24.94
C ILE B 231 -9.28 7.65 26.44
N GLU B 232 -10.03 8.40 27.26
CA GLU B 232 -10.05 8.27 28.73
C GLU B 232 -10.21 6.83 29.28
N ASN B 233 -11.19 6.03 28.81
CA ASN B 233 -11.34 4.66 29.31
C ASN B 233 -10.12 3.80 28.97
N CYS B 234 -9.56 4.02 27.75
CA CYS B 234 -8.38 3.33 27.30
C CYS B 234 -7.17 3.73 28.14
N VAL B 235 -7.02 5.04 28.43
CA VAL B 235 -5.95 5.56 29.28
C VAL B 235 -5.97 4.88 30.65
N LYS B 236 -7.16 4.81 31.30
CA LYS B 236 -7.30 4.17 32.62
C LYS B 236 -7.08 2.66 32.58
N TRP B 237 -7.32 2.02 31.42
CA TRP B 237 -7.02 0.60 31.22
C TRP B 237 -5.49 0.41 31.06
N MET B 238 -4.84 1.33 30.34
CA MET B 238 -3.41 1.30 30.03
C MET B 238 -2.50 1.67 31.20
N VAL B 239 -3.04 2.46 32.15
CA VAL B 239 -2.37 2.94 33.35
C VAL B 239 -1.42 1.87 33.98
N PRO B 240 -1.84 0.61 34.30
CA PRO B 240 -0.89 -0.35 34.86
C PRO B 240 0.27 -0.69 33.94
N PHE B 241 0.00 -0.85 32.64
CA PHE B 241 1.02 -1.17 31.63
C PHE B 241 2.04 -0.05 31.53
N ALA B 242 1.54 1.19 31.43
CA ALA B 242 2.36 2.39 31.37
C ALA B 242 3.20 2.55 32.61
N MET B 243 2.63 2.24 33.79
CA MET B 243 3.40 2.35 35.03
C MET B 243 4.48 1.32 35.16
N VAL B 244 4.21 0.07 34.78
CA VAL B 244 5.24 -0.95 34.78
C VAL B 244 6.42 -0.56 33.85
N ILE B 245 6.14 0.11 32.71
CA ILE B 245 7.22 0.57 31.81
C ILE B 245 7.98 1.73 32.44
N ARG B 246 7.28 2.62 33.16
CA ARG B 246 7.90 3.79 33.81
C ARG B 246 8.83 3.38 34.94
N GLU B 247 8.42 2.40 35.78
CA GLU B 247 9.19 1.87 36.90
C GLU B 247 10.53 1.31 36.48
N THR B 248 10.55 0.61 35.36
CA THR B 248 11.76 -0.04 34.87
C THR B 248 12.61 0.85 33.94
N GLY B 249 12.04 1.94 33.45
CA GLY B 249 12.72 2.81 32.49
C GLY B 249 12.49 2.31 31.08
N SER B 250 12.52 3.22 30.09
CA SER B 250 12.30 2.81 28.71
C SER B 250 13.58 2.29 28.03
N SER B 251 13.43 1.49 26.96
CA SER B 251 14.56 0.91 26.24
C SER B 251 15.32 1.91 25.37
N LYS B 252 16.59 1.60 25.08
CA LYS B 252 17.45 2.44 24.23
C LYS B 252 17.35 1.96 22.76
N LEU B 253 17.46 2.88 21.79
CA LEU B 253 17.37 2.50 20.38
C LEU B 253 18.53 1.59 19.96
N LYS B 254 18.23 0.35 19.56
CA LYS B 254 19.24 -0.62 19.15
C LYS B 254 19.70 -0.38 17.70
N HIS B 255 20.90 -0.85 17.37
CA HIS B 255 21.40 -0.79 15.99
C HIS B 255 21.20 -2.19 15.40
N PHE B 256 20.71 -2.27 14.16
CA PHE B 256 20.50 -3.58 13.54
C PHE B 256 21.43 -3.78 12.36
N ARG B 257 22.20 -4.89 12.40
CA ARG B 257 23.17 -5.24 11.37
C ARG B 257 22.45 -5.39 10.04
N GLY B 258 22.92 -4.67 9.04
CA GLY B 258 22.31 -4.69 7.71
C GLY B 258 21.01 -3.91 7.62
N VAL B 259 20.76 -3.02 8.58
CA VAL B 259 19.56 -2.19 8.57
C VAL B 259 20.00 -0.74 8.62
N ALA B 260 19.51 0.11 7.67
CA ALA B 260 19.82 1.53 7.59
C ALA B 260 19.57 2.23 8.93
N ASP B 261 20.43 3.18 9.32
CA ASP B 261 20.27 3.82 10.62
C ASP B 261 19.04 4.75 10.69
N GLU B 262 18.49 5.17 9.54
CA GLU B 262 17.26 5.97 9.55
C GLU B 262 15.96 5.10 9.58
N ASP B 263 16.10 3.77 9.76
CA ASP B 263 14.99 2.83 9.80
C ASP B 263 15.01 1.92 11.05
N ALA B 264 16.01 2.07 11.95
CA ALA B 264 16.15 1.18 13.11
C ALA B 264 14.98 1.20 14.08
N HIS B 265 14.21 2.30 14.10
CA HIS B 265 13.04 2.40 15.00
C HIS B 265 11.89 1.48 14.54
N ASN B 266 11.86 1.17 13.23
CA ASN B 266 10.85 0.34 12.62
C ASN B 266 11.10 -1.15 12.69
N ILE B 267 12.16 -1.60 13.36
CA ILE B 267 12.50 -3.01 13.51
C ILE B 267 11.94 -3.56 14.83
N GLN B 268 11.21 -4.68 14.78
CA GLN B 268 10.64 -5.28 15.98
C GLN B 268 11.71 -5.70 16.99
N THR B 269 11.47 -5.41 18.27
CA THR B 269 12.39 -5.78 19.35
C THR B 269 11.68 -6.67 20.36
N HIS B 270 12.45 -7.37 21.19
CA HIS B 270 11.92 -8.25 22.19
C HIS B 270 12.51 -7.91 23.56
N ARG B 271 11.70 -8.14 24.61
CA ARG B 271 12.03 -7.86 26.00
C ARG B 271 11.42 -8.96 26.89
N ASP B 272 11.74 -8.97 28.20
CA ASP B 272 11.15 -9.88 29.17
C ASP B 272 9.78 -9.27 29.53
N SER B 273 8.93 -9.10 28.52
CA SER B 273 7.62 -8.45 28.68
C SER B 273 6.55 -9.31 29.30
N LEU B 274 6.79 -10.64 29.48
CA LEU B 274 5.77 -11.48 30.06
C LEU B 274 5.67 -11.30 31.58
N ASP B 275 6.79 -10.98 32.26
CA ASP B 275 6.73 -10.71 33.70
C ASP B 275 6.14 -9.31 33.97
N LEU B 276 6.43 -8.35 33.06
CA LEU B 276 5.88 -6.99 33.09
C LEU B 276 4.35 -7.02 32.91
N LEU B 277 3.86 -7.96 32.09
CA LEU B 277 2.45 -8.18 31.80
C LEU B 277 1.73 -8.68 33.07
N ASP B 278 2.41 -9.53 33.88
CA ASP B 278 1.89 -10.08 35.13
C ASP B 278 1.77 -8.97 36.19
N LYS B 279 2.74 -8.05 36.23
CA LYS B 279 2.73 -6.92 37.16
C LYS B 279 1.59 -5.95 36.82
N ALA B 280 1.40 -5.69 35.53
CA ALA B 280 0.34 -4.81 35.06
C ALA B 280 -1.04 -5.47 35.20
N ARG B 281 -1.12 -6.79 35.08
CA ARG B 281 -2.40 -7.53 35.22
C ARG B 281 -2.84 -7.67 36.68
N ALA B 282 -1.89 -7.58 37.64
CA ALA B 282 -2.20 -7.70 39.06
C ALA B 282 -3.02 -6.49 39.57
N LYS B 283 -2.61 -5.27 39.23
CA LYS B 283 -3.29 -4.04 39.62
C LYS B 283 -4.28 -3.59 38.55
C1 A1IOI C . -8.20 -7.91 -15.76
C2 A1IOI C . -9.88 -7.69 -17.72
C3 A1IOI C . -8.55 -7.72 -19.37
N6 A1IOI C . -6.43 -7.95 -18.22
C7 A1IOI C . -6.69 -7.30 -24.93
C8 A1IOI C . -9.67 -9.08 -24.22
C9 A1IOI C . -3.99 -7.44 -25.23
C10 A1IOI C . -5.89 -7.93 -19.44
C11 A1IOI C . -7.76 -7.84 -18.25
C12 A1IOI C . -3.86 -8.13 -20.87
C13 A1IOI C . -2.91 -9.29 -20.57
C14 A1IOI C . -2.39 -8.91 -19.24
C15 A1IOI C . -3.61 -8.37 -18.47
C16 A1IOI C . -3.26 -7.26 -17.44
F1 A1IOI C . -1.98 -9.45 -21.57
F A1IOI C . -3.56 -10.51 -20.56
O2 A1IOI C . -4.43 -7.01 -16.63
C18 A1IOI C . -2.88 -5.94 -18.07
C17 A1IOI C . -2.17 -7.74 -16.50
N7 A1IOI C . -4.53 -7.99 -19.57
N1 A1IOI C . -9.90 -7.61 -19.02
N A1IOI C . -8.63 -7.80 -17.18
C A1IOI C . -7.43 -9.19 -15.50
N5 A1IOI C . -6.53 -7.82 -20.62
C4 A1IOI C . -7.88 -7.71 -20.62
N2 A1IOI C . -8.52 -7.54 -21.84
C5 A1IOI C . -7.92 -7.51 -23.10
N4 A1IOI C . -8.49 -8.23 -24.19
N3 A1IOI C . -7.74 -8.10 -25.31
C6 A1IOI C . -6.79 -6.90 -23.57
S A1IOI C . -5.41 -6.83 -26.07
O A1IOI C . -5.55 -7.54 -27.31
O1 A1IOI C . -5.33 -5.39 -26.13
#